data_1MIZ
#
_entry.id   1MIZ
#
_cell.length_a   37.533
_cell.length_b   55.198
_cell.length_c   46.751
_cell.angle_alpha   90.00
_cell.angle_beta   97.58
_cell.angle_gamma   90.00
#
_symmetry.space_group_name_H-M   'P 1 21 1'
#
loop_
_entity.id
_entity.type
_entity.pdbx_description
1 polymer 'integrin beta3'
2 polymer TALIN
3 water water
#
loop_
_entity_poly.entity_id
_entity_poly.type
_entity_poly.pdbx_seq_one_letter_code
_entity_poly.pdbx_strand_id
1 'polypeptide(L)' GSHAWDTAN A
2 'polypeptide(L)'
;SDQNVDSRDPVQLNLLYVQARDDILNGSHPVSFDKACEFAGYQCQIQFGPHNEQKHKPGFLELKDFLPKEYIKQKGERKI
FMAHKNCGNMSEIEAKVRYVKLARSLKTYGVSFFLVKEKMKGKNKLVPRLLGITKECVMRVDEKTKEVIQEWSLTNIKRW
AASPKSFTLDFGDYQDGYYSVQTTEGEQIAQLIAGYIDIIL
;
B
#
# COMPACT_ATOMS: atom_id res chain seq x y z
N GLY A 1 9.96 33.66 11.49
CA GLY A 1 10.87 33.49 12.65
C GLY A 1 11.67 32.20 12.55
N SER A 2 12.82 32.27 11.87
CA SER A 2 13.69 31.11 11.68
C SER A 2 13.08 30.10 10.72
N HIS A 3 11.82 30.29 10.37
CA HIS A 3 11.13 29.38 9.47
C HIS A 3 10.75 30.00 8.13
N ALA A 4 9.90 31.03 8.17
CA ALA A 4 9.47 31.71 6.96
C ALA A 4 10.60 32.54 6.37
N TRP A 5 11.67 31.87 5.98
CA TRP A 5 12.84 32.54 5.42
C TRP A 5 12.59 33.36 4.17
N ASP A 6 13.51 34.30 3.93
CA ASP A 6 13.50 35.17 2.77
C ASP A 6 14.95 35.23 2.30
N THR A 7 15.14 35.39 0.99
CA THR A 7 16.46 35.43 0.42
C THR A 7 16.49 36.36 -0.78
N ALA A 8 17.69 36.81 -1.16
CA ALA A 8 17.85 37.67 -2.32
C ALA A 8 17.97 36.71 -3.50
N ASN A 9 18.51 35.54 -3.20
CA ASN A 9 18.70 34.51 -4.20
C ASN A 9 17.55 33.52 -4.14
N SER B 1 16.43 33.89 -4.73
CA SER B 1 15.28 33.00 -4.71
C SER B 1 14.68 32.75 -6.07
N ASP B 2 13.42 32.31 -6.04
CA ASP B 2 12.61 32.01 -7.22
C ASP B 2 13.23 31.24 -8.38
N GLN B 3 13.04 31.77 -9.59
CA GLN B 3 13.51 31.19 -10.84
C GLN B 3 12.74 29.96 -11.27
N ASN B 4 12.77 28.91 -10.44
CA ASN B 4 12.04 27.70 -10.80
C ASN B 4 10.56 27.87 -10.50
N VAL B 5 9.80 28.09 -11.56
CA VAL B 5 8.38 28.26 -11.48
C VAL B 5 7.74 26.90 -11.61
N ASP B 6 6.71 26.63 -10.82
CA ASP B 6 6.04 25.36 -10.92
C ASP B 6 4.87 25.51 -11.89
N SER B 7 4.94 24.77 -13.01
CA SER B 7 3.88 24.84 -14.00
C SER B 7 3.04 23.57 -14.04
N ARG B 8 3.14 22.77 -12.97
CA ARG B 8 2.38 21.53 -12.85
C ARG B 8 0.93 21.92 -12.57
N ASP B 9 0.00 21.15 -13.13
CA ASP B 9 -1.42 21.40 -12.92
C ASP B 9 -1.78 20.89 -11.53
N PRO B 10 -1.98 21.80 -10.56
CA PRO B 10 -2.33 21.41 -9.19
C PRO B 10 -3.63 20.59 -9.06
N VAL B 11 -4.57 20.83 -9.98
CA VAL B 11 -5.83 20.10 -9.95
C VAL B 11 -5.60 18.63 -10.28
N GLN B 12 -4.80 18.38 -11.31
CA GLN B 12 -4.50 17.03 -11.72
C GLN B 12 -3.70 16.35 -10.63
N LEU B 13 -2.75 17.08 -10.05
CA LEU B 13 -1.92 16.53 -8.99
C LEU B 13 -2.79 16.09 -7.81
N ASN B 14 -3.67 16.98 -7.37
CA ASN B 14 -4.55 16.67 -6.26
C ASN B 14 -5.36 15.40 -6.53
N LEU B 15 -5.80 15.22 -7.78
CA LEU B 15 -6.58 14.03 -8.14
C LEU B 15 -5.75 12.77 -7.98
N LEU B 16 -4.50 12.83 -8.42
CA LEU B 16 -3.60 11.68 -8.29
C LEU B 16 -3.30 11.44 -6.81
N TYR B 17 -3.08 12.53 -6.07
CA TYR B 17 -2.79 12.44 -4.64
C TYR B 17 -3.94 11.78 -3.88
N VAL B 18 -5.16 12.27 -4.11
CA VAL B 18 -6.33 11.72 -3.43
C VAL B 18 -6.54 10.24 -3.70
N GLN B 19 -6.31 9.80 -4.93
CA GLN B 19 -6.49 8.39 -5.25
C GLN B 19 -5.46 7.54 -4.52
N ALA B 20 -4.21 7.97 -4.57
CA ALA B 20 -3.14 7.25 -3.90
C ALA B 20 -3.38 7.19 -2.39
N ARG B 21 -3.68 8.35 -1.80
CA ARG B 21 -3.92 8.43 -0.37
C ARG B 21 -5.08 7.54 0.06
N ASP B 22 -6.18 7.59 -0.69
CA ASP B 22 -7.34 6.78 -0.35
C ASP B 22 -7.07 5.28 -0.44
N ASP B 23 -6.35 4.84 -1.46
CA ASP B 23 -6.04 3.40 -1.60
C ASP B 23 -5.20 2.89 -0.44
N ILE B 24 -4.29 3.73 0.05
CA ILE B 24 -3.44 3.35 1.17
C ILE B 24 -4.26 3.36 2.46
N LEU B 25 -5.07 4.39 2.63
CA LEU B 25 -5.87 4.51 3.82
C LEU B 25 -6.95 3.43 3.97
N ASN B 26 -7.52 2.96 2.85
CA ASN B 26 -8.55 1.94 2.91
C ASN B 26 -8.05 0.51 2.72
N GLY B 27 -6.73 0.36 2.61
CA GLY B 27 -6.16 -0.96 2.46
C GLY B 27 -6.04 -1.55 1.07
N SER B 28 -6.66 -0.92 0.07
CA SER B 28 -6.58 -1.42 -1.32
C SER B 28 -5.12 -1.58 -1.72
N HIS B 29 -4.29 -0.63 -1.29
CA HIS B 29 -2.85 -0.66 -1.53
C HIS B 29 -2.21 -0.91 -0.17
N PRO B 30 -1.92 -2.19 0.13
CA PRO B 30 -1.29 -2.60 1.39
C PRO B 30 0.15 -2.12 1.51
N VAL B 31 0.44 -1.42 2.61
CA VAL B 31 1.79 -0.94 2.87
C VAL B 31 2.18 -1.31 4.31
N SER B 32 3.47 -1.30 4.60
CA SER B 32 3.98 -1.61 5.92
C SER B 32 3.72 -0.46 6.90
N PHE B 33 3.90 -0.74 8.18
CA PHE B 33 3.71 0.26 9.22
C PHE B 33 4.63 1.45 9.02
N ASP B 34 5.90 1.17 8.74
CA ASP B 34 6.87 2.24 8.53
C ASP B 34 6.46 3.12 7.35
N LYS B 35 6.06 2.49 6.26
CA LYS B 35 5.65 3.24 5.08
C LYS B 35 4.38 4.05 5.35
N ALA B 36 3.41 3.45 6.04
CA ALA B 36 2.17 4.14 6.35
C ALA B 36 2.42 5.42 7.14
N CYS B 37 3.36 5.37 8.09
CA CYS B 37 3.68 6.56 8.88
C CYS B 37 4.42 7.60 8.05
N GLU B 38 5.21 7.13 7.08
CA GLU B 38 5.94 8.05 6.20
C GLU B 38 4.90 8.78 5.34
N PHE B 39 3.93 8.03 4.82
CA PHE B 39 2.87 8.64 4.02
C PHE B 39 2.12 9.64 4.90
N ALA B 40 1.81 9.22 6.11
CA ALA B 40 1.08 10.05 7.05
C ALA B 40 1.83 11.36 7.33
N GLY B 41 3.16 11.29 7.32
CA GLY B 41 3.96 12.48 7.55
C GLY B 41 3.72 13.48 6.44
N TYR B 42 3.69 13.01 5.20
CA TYR B 42 3.44 13.89 4.07
C TYR B 42 2.00 14.41 4.14
N GLN B 43 1.08 13.57 4.59
CA GLN B 43 -0.33 13.97 4.68
C GLN B 43 -0.42 15.16 5.63
N CYS B 44 0.26 15.05 6.77
CA CYS B 44 0.28 16.12 7.76
C CYS B 44 0.83 17.42 7.18
N GLN B 45 1.88 17.30 6.37
CA GLN B 45 2.50 18.48 5.76
C GLN B 45 1.50 19.15 4.83
N ILE B 46 0.76 18.32 4.10
CA ILE B 46 -0.25 18.77 3.16
C ILE B 46 -1.44 19.44 3.84
N GLN B 47 -1.99 18.82 4.88
CA GLN B 47 -3.16 19.38 5.55
C GLN B 47 -2.88 20.42 6.63
N PHE B 48 -1.71 20.35 7.26
CA PHE B 48 -1.39 21.27 8.34
C PHE B 48 -0.23 22.24 8.11
N GLY B 49 0.57 22.01 7.09
CA GLY B 49 1.70 22.89 6.85
C GLY B 49 2.89 22.42 7.66
N PRO B 50 4.04 23.12 7.61
CA PRO B 50 5.23 22.71 8.35
C PRO B 50 4.94 22.29 9.79
N HIS B 51 5.63 21.26 10.24
CA HIS B 51 5.46 20.74 11.59
C HIS B 51 5.76 21.83 12.64
N ASN B 52 4.88 21.93 13.62
CA ASN B 52 5.00 22.90 14.69
C ASN B 52 5.01 22.08 15.99
N GLU B 53 6.17 21.99 16.65
CA GLU B 53 6.28 21.22 17.88
C GLU B 53 5.26 21.65 18.94
N GLN B 54 4.91 22.93 18.96
CA GLN B 54 3.96 23.43 19.94
C GLN B 54 2.56 22.81 19.84
N LYS B 55 2.08 22.58 18.61
CA LYS B 55 0.73 22.02 18.41
C LYS B 55 0.66 20.58 17.94
N HIS B 56 1.55 20.20 17.02
CA HIS B 56 1.53 18.85 16.46
C HIS B 56 2.17 17.81 17.37
N LYS B 57 1.40 17.38 18.37
CA LYS B 57 1.82 16.38 19.35
C LYS B 57 0.78 15.28 19.39
N PRO B 58 1.08 14.16 20.06
CA PRO B 58 0.12 13.06 20.16
C PRO B 58 -1.21 13.53 20.72
N GLY B 59 -2.29 13.15 20.06
CA GLY B 59 -3.61 13.56 20.50
C GLY B 59 -4.15 14.66 19.61
N PHE B 60 -3.29 15.18 18.74
CA PHE B 60 -3.68 16.23 17.81
C PHE B 60 -4.40 15.66 16.59
N LEU B 61 -4.12 14.41 16.27
CA LEU B 61 -4.72 13.77 15.10
C LEU B 61 -5.79 12.73 15.40
N GLU B 62 -6.64 12.48 14.42
CA GLU B 62 -7.66 11.44 14.49
C GLU B 62 -6.98 10.39 13.61
N LEU B 63 -6.23 9.50 14.25
CA LEU B 63 -5.47 8.46 13.54
C LEU B 63 -6.20 7.67 12.46
N LYS B 64 -7.52 7.59 12.55
CA LYS B 64 -8.29 6.85 11.56
C LYS B 64 -8.28 7.57 10.21
N ASP B 65 -7.93 8.85 10.24
CA ASP B 65 -7.87 9.65 9.01
C ASP B 65 -6.45 9.67 8.41
N PHE B 66 -5.48 9.13 9.13
CA PHE B 66 -4.09 9.15 8.66
C PHE B 66 -3.40 7.80 8.53
N LEU B 67 -4.02 6.74 9.02
CA LEU B 67 -3.39 5.43 8.94
C LEU B 67 -4.32 4.27 8.59
N PRO B 68 -3.77 3.24 7.93
CA PRO B 68 -4.61 2.09 7.59
C PRO B 68 -5.12 1.57 8.95
N LYS B 69 -6.31 1.00 8.95
CA LYS B 69 -6.95 0.51 10.17
C LYS B 69 -6.09 -0.35 11.08
N GLU B 70 -5.35 -1.28 10.50
CA GLU B 70 -4.52 -2.18 11.28
C GLU B 70 -3.34 -1.56 12.00
N TYR B 71 -3.07 -0.28 11.77
CA TYR B 71 -1.92 0.36 12.42
C TYR B 71 -2.32 1.40 13.46
N ILE B 72 -3.61 1.62 13.62
CA ILE B 72 -4.09 2.61 14.58
C ILE B 72 -3.81 2.29 16.04
N LYS B 73 -3.86 1.02 16.41
CA LYS B 73 -3.62 0.62 17.79
C LYS B 73 -2.14 0.57 18.16
N GLN B 74 -1.28 1.14 17.32
CA GLN B 74 0.15 1.15 17.59
C GLN B 74 0.64 2.57 17.88
N LYS B 75 1.91 2.70 18.29
CA LYS B 75 2.49 4.00 18.59
C LYS B 75 2.90 4.70 17.29
N GLY B 76 1.93 4.84 16.39
CA GLY B 76 2.22 5.45 15.11
C GLY B 76 2.26 6.97 15.12
N GLU B 77 1.50 7.60 16.02
CA GLU B 77 1.47 9.06 16.07
C GLU B 77 2.87 9.63 16.22
N ARG B 78 3.67 9.02 17.08
CA ARG B 78 5.03 9.46 17.31
C ARG B 78 5.84 9.37 16.01
N LYS B 79 5.75 8.23 15.33
CA LYS B 79 6.48 8.04 14.07
C LYS B 79 5.99 9.02 13.00
N ILE B 80 4.69 9.30 13.00
CA ILE B 80 4.11 10.22 12.04
C ILE B 80 4.68 11.63 12.17
N PHE B 81 4.84 12.10 13.41
CA PHE B 81 5.37 13.44 13.63
C PHE B 81 6.85 13.57 13.30
N MET B 82 7.59 12.47 13.35
CA MET B 82 9.00 12.52 13.00
C MET B 82 9.08 12.66 11.48
N ALA B 83 8.18 11.96 10.78
CA ALA B 83 8.16 12.03 9.33
C ALA B 83 7.69 13.43 8.93
N HIS B 84 6.74 13.97 9.67
CA HIS B 84 6.23 15.31 9.40
C HIS B 84 7.39 16.31 9.56
N LYS B 85 8.18 16.12 10.62
CA LYS B 85 9.34 16.98 10.88
C LYS B 85 10.31 16.95 9.69
N ASN B 86 10.53 15.76 9.13
CA ASN B 86 11.45 15.65 8.00
C ASN B 86 11.09 16.52 6.81
N CYS B 87 9.79 16.75 6.60
CA CYS B 87 9.36 17.56 5.47
C CYS B 87 9.84 19.00 5.53
N GLY B 88 10.30 19.42 6.72
CA GLY B 88 10.79 20.78 6.88
C GLY B 88 9.73 21.80 6.46
N ASN B 89 10.12 22.70 5.57
CA ASN B 89 9.20 23.72 5.08
C ASN B 89 8.68 23.40 3.68
N MET B 90 8.69 22.11 3.34
CA MET B 90 8.23 21.62 2.05
C MET B 90 6.85 22.20 1.72
N SER B 91 6.64 22.56 0.45
CA SER B 91 5.37 23.11 0.02
C SER B 91 4.32 22.01 -0.11
N GLU B 92 3.05 22.42 -0.09
CA GLU B 92 1.95 21.47 -0.21
C GLU B 92 2.03 20.69 -1.51
N ILE B 93 2.36 21.36 -2.60
CA ILE B 93 2.46 20.69 -3.90
C ILE B 93 3.61 19.68 -3.88
N GLU B 94 4.77 20.10 -3.37
CA GLU B 94 5.94 19.22 -3.29
C GLU B 94 5.57 17.97 -2.47
N ALA B 95 4.86 18.17 -1.37
CA ALA B 95 4.46 17.07 -0.51
C ALA B 95 3.59 16.06 -1.28
N LYS B 96 2.59 16.55 -1.99
CA LYS B 96 1.72 15.68 -2.77
C LYS B 96 2.53 14.88 -3.79
N VAL B 97 3.48 15.54 -4.44
CA VAL B 97 4.33 14.88 -5.42
C VAL B 97 5.13 13.75 -4.76
N ARG B 98 5.74 14.05 -3.62
CA ARG B 98 6.52 13.04 -2.89
C ARG B 98 5.65 11.87 -2.47
N TYR B 99 4.41 12.16 -2.09
CA TYR B 99 3.48 11.13 -1.66
C TYR B 99 3.15 10.19 -2.82
N VAL B 100 2.77 10.76 -3.96
CA VAL B 100 2.42 9.95 -5.11
C VAL B 100 3.62 9.15 -5.61
N LYS B 101 4.78 9.77 -5.68
CA LYS B 101 5.97 9.06 -6.14
C LYS B 101 6.37 7.94 -5.19
N LEU B 102 6.19 8.14 -3.88
CA LEU B 102 6.54 7.11 -2.93
C LEU B 102 5.59 5.92 -3.12
N ALA B 103 4.31 6.22 -3.29
CA ALA B 103 3.31 5.17 -3.48
C ALA B 103 3.58 4.38 -4.76
N ARG B 104 3.88 5.09 -5.85
CA ARG B 104 4.16 4.45 -7.13
C ARG B 104 5.45 3.64 -7.12
N SER B 105 6.37 3.99 -6.23
CA SER B 105 7.64 3.28 -6.15
C SER B 105 7.55 1.92 -5.47
N LEU B 106 6.46 1.68 -4.73
CA LEU B 106 6.30 0.42 -4.02
C LEU B 106 5.95 -0.77 -4.91
N LYS B 107 6.51 -1.92 -4.56
CA LYS B 107 6.30 -3.14 -5.31
C LYS B 107 4.82 -3.55 -5.33
N THR B 108 4.10 -3.16 -4.29
CA THR B 108 2.69 -3.45 -4.16
C THR B 108 1.80 -2.52 -4.98
N TYR B 109 2.39 -1.44 -5.51
CA TYR B 109 1.61 -0.48 -6.27
C TYR B 109 0.92 -1.03 -7.51
N GLY B 110 -0.37 -0.71 -7.65
CA GLY B 110 -1.14 -1.16 -8.81
C GLY B 110 -1.47 -2.63 -8.83
N VAL B 111 -1.10 -3.33 -7.77
CA VAL B 111 -1.35 -4.76 -7.69
C VAL B 111 -2.71 -5.08 -7.09
N SER B 112 -3.41 -6.03 -7.71
CA SER B 112 -4.72 -6.46 -7.23
C SER B 112 -4.50 -7.46 -6.09
N PHE B 113 -4.91 -7.09 -4.89
CA PHE B 113 -4.76 -7.96 -3.73
C PHE B 113 -6.08 -8.49 -3.20
N PHE B 114 -6.01 -9.70 -2.64
CA PHE B 114 -7.17 -10.34 -2.05
C PHE B 114 -6.75 -10.86 -0.68
N LEU B 115 -7.54 -10.53 0.33
CA LEU B 115 -7.23 -11.00 1.68
C LEU B 115 -7.88 -12.38 1.81
N VAL B 116 -7.04 -13.41 1.83
CA VAL B 116 -7.54 -14.76 1.94
C VAL B 116 -7.09 -15.39 3.26
N LYS B 117 -7.47 -16.63 3.48
CA LYS B 117 -7.09 -17.31 4.70
C LYS B 117 -6.39 -18.62 4.38
N GLU B 118 -5.23 -18.81 4.97
CA GLU B 118 -4.48 -20.02 4.74
C GLU B 118 -4.43 -20.89 5.99
N LYS B 119 -4.52 -22.19 5.79
CA LYS B 119 -4.43 -23.11 6.91
C LYS B 119 -3.02 -23.63 6.81
N MET B 120 -2.29 -23.65 7.91
CA MET B 120 -0.95 -24.18 7.80
C MET B 120 -0.40 -24.91 8.98
N LYS B 121 0.82 -25.39 8.75
CA LYS B 121 1.64 -26.13 9.71
C LYS B 121 0.94 -26.59 10.98
N GLY B 122 1.49 -26.16 12.11
CA GLY B 122 0.96 -26.54 13.40
C GLY B 122 0.03 -25.47 13.96
N LYS B 123 -0.87 -24.98 13.14
CA LYS B 123 -1.82 -23.97 13.58
C LYS B 123 -3.25 -24.40 13.24
N ASN B 124 -4.12 -24.38 14.23
CA ASN B 124 -5.51 -24.77 14.04
C ASN B 124 -6.33 -23.64 13.44
N LYS B 125 -6.02 -22.41 13.83
CA LYS B 125 -6.75 -21.26 13.31
C LYS B 125 -6.15 -20.80 11.99
N LEU B 126 -7.02 -20.48 11.03
CA LEU B 126 -6.57 -20.01 9.72
C LEU B 126 -5.75 -18.73 9.87
N VAL B 127 -4.81 -18.51 8.96
CA VAL B 127 -3.95 -17.32 8.97
C VAL B 127 -4.27 -16.38 7.81
N PRO B 128 -4.52 -15.09 8.10
CA PRO B 128 -4.81 -14.13 7.03
C PRO B 128 -3.58 -13.96 6.13
N ARG B 129 -3.82 -13.81 4.83
CA ARG B 129 -2.71 -13.64 3.89
C ARG B 129 -3.15 -12.81 2.70
N LEU B 130 -2.27 -11.94 2.23
CA LEU B 130 -2.59 -11.14 1.06
C LEU B 130 -2.16 -11.87 -0.19
N LEU B 131 -3.11 -12.12 -1.08
CA LEU B 131 -2.81 -12.81 -2.34
C LEU B 131 -2.84 -11.78 -3.45
N GLY B 132 -1.69 -11.55 -4.06
CA GLY B 132 -1.61 -10.59 -5.15
C GLY B 132 -1.50 -11.26 -6.51
N ILE B 133 -2.10 -10.64 -7.52
CA ILE B 133 -2.09 -11.17 -8.88
C ILE B 133 -1.62 -10.11 -9.86
N THR B 134 -0.55 -10.38 -10.59
CA THR B 134 -0.05 -9.43 -11.60
C THR B 134 -0.06 -10.14 -12.95
N LYS B 135 0.33 -9.43 -14.01
CA LYS B 135 0.35 -10.05 -15.32
C LYS B 135 1.52 -11.01 -15.45
N GLU B 136 2.35 -11.12 -14.41
CA GLU B 136 3.50 -12.02 -14.47
C GLU B 136 3.54 -13.08 -13.38
N CYS B 137 2.85 -12.84 -12.27
CA CYS B 137 2.90 -13.81 -11.20
C CYS B 137 1.80 -13.71 -10.18
N VAL B 138 1.76 -14.71 -9.31
CA VAL B 138 0.83 -14.77 -8.19
C VAL B 138 1.79 -14.67 -7.01
N MET B 139 1.46 -13.85 -6.03
CA MET B 139 2.36 -13.70 -4.92
C MET B 139 1.66 -13.79 -3.58
N ARG B 140 2.33 -14.46 -2.63
CA ARG B 140 1.82 -14.60 -1.27
C ARG B 140 2.54 -13.50 -0.47
N VAL B 141 1.75 -12.63 0.13
CA VAL B 141 2.27 -11.51 0.89
C VAL B 141 1.84 -11.54 2.36
N ASP B 142 2.78 -11.25 3.26
CA ASP B 142 2.51 -11.23 4.69
C ASP B 142 1.49 -10.12 5.01
N GLU B 143 0.41 -10.48 5.68
CA GLU B 143 -0.63 -9.52 6.00
C GLU B 143 -0.20 -8.41 6.97
N LYS B 144 0.86 -8.68 7.74
CA LYS B 144 1.36 -7.71 8.71
C LYS B 144 2.43 -6.79 8.16
N THR B 145 3.52 -7.38 7.68
CA THR B 145 4.64 -6.61 7.15
C THR B 145 4.45 -6.22 5.68
N LYS B 146 3.62 -6.97 4.97
CA LYS B 146 3.36 -6.71 3.56
C LYS B 146 4.56 -7.08 2.70
N GLU B 147 5.38 -8.00 3.19
CA GLU B 147 6.55 -8.43 2.44
C GLU B 147 6.20 -9.68 1.64
N VAL B 148 6.79 -9.79 0.45
CA VAL B 148 6.53 -10.96 -0.39
C VAL B 148 7.24 -12.16 0.23
N ILE B 149 6.48 -13.22 0.48
CA ILE B 149 7.05 -14.42 1.07
C ILE B 149 7.24 -15.51 0.01
N GLN B 150 6.37 -15.52 -0.99
CA GLN B 150 6.44 -16.51 -2.06
C GLN B 150 5.83 -15.97 -3.34
N GLU B 151 6.39 -16.38 -4.47
CA GLU B 151 5.91 -15.93 -5.76
C GLU B 151 5.92 -17.07 -6.78
N TRP B 152 4.87 -17.14 -7.59
CA TRP B 152 4.76 -18.17 -8.62
C TRP B 152 4.57 -17.54 -9.99
N SER B 153 5.40 -17.94 -10.94
CA SER B 153 5.27 -17.43 -12.29
C SER B 153 3.93 -17.95 -12.84
N LEU B 154 3.23 -17.13 -13.62
CA LEU B 154 1.97 -17.55 -14.20
C LEU B 154 2.18 -18.72 -15.16
N THR B 155 3.38 -18.79 -15.75
CA THR B 155 3.69 -19.87 -16.69
C THR B 155 3.76 -21.22 -16.00
N ASN B 156 3.85 -21.22 -14.67
CA ASN B 156 3.93 -22.47 -13.92
C ASN B 156 2.56 -22.97 -13.44
N ILE B 157 1.50 -22.23 -13.77
CA ILE B 157 0.17 -22.64 -13.38
C ILE B 157 -0.45 -23.58 -14.39
N LYS B 158 -0.82 -24.77 -13.94
CA LYS B 158 -1.44 -25.76 -14.79
C LYS B 158 -2.94 -25.53 -14.90
N ARG B 159 -3.60 -25.40 -13.74
CA ARG B 159 -5.03 -25.18 -13.70
C ARG B 159 -5.46 -24.60 -12.36
N TRP B 160 -6.72 -24.17 -12.28
CA TRP B 160 -7.24 -23.59 -11.06
C TRP B 160 -8.71 -23.91 -10.87
N ALA B 161 -9.22 -23.71 -9.66
CA ALA B 161 -10.62 -23.99 -9.37
C ALA B 161 -11.14 -23.07 -8.27
N ALA B 162 -12.40 -22.67 -8.39
CA ALA B 162 -13.04 -21.80 -7.42
C ALA B 162 -14.36 -22.35 -6.92
N SER B 163 -14.60 -22.19 -5.63
CA SER B 163 -15.85 -22.62 -5.01
C SER B 163 -16.35 -21.37 -4.30
N PRO B 164 -17.57 -21.41 -3.75
CA PRO B 164 -18.08 -20.22 -3.07
C PRO B 164 -17.27 -19.84 -1.82
N LYS B 165 -16.42 -20.76 -1.37
CA LYS B 165 -15.62 -20.51 -0.18
C LYS B 165 -14.14 -20.82 -0.36
N SER B 166 -13.69 -20.92 -1.61
CA SER B 166 -12.28 -21.23 -1.83
C SER B 166 -11.75 -20.99 -3.23
N PHE B 167 -10.43 -21.06 -3.35
CA PHE B 167 -9.73 -20.90 -4.60
C PHE B 167 -8.54 -21.85 -4.51
N THR B 168 -8.28 -22.58 -5.58
CA THR B 168 -7.18 -23.54 -5.58
C THR B 168 -6.33 -23.45 -6.84
N LEU B 169 -5.01 -23.64 -6.66
CA LEU B 169 -4.08 -23.60 -7.78
C LEU B 169 -3.35 -24.93 -7.88
N ASP B 170 -3.16 -25.39 -9.11
CA ASP B 170 -2.45 -26.63 -9.39
C ASP B 170 -1.25 -26.29 -10.28
N PHE B 171 -0.04 -26.47 -9.76
CA PHE B 171 1.19 -26.15 -10.49
C PHE B 171 1.79 -27.33 -11.27
N GLY B 172 1.04 -28.41 -11.42
CA GLY B 172 1.54 -29.57 -12.16
C GLY B 172 2.89 -30.11 -11.69
N ASP B 173 3.83 -30.25 -12.65
CA ASP B 173 5.16 -30.76 -12.36
C ASP B 173 5.91 -29.94 -11.32
N TYR B 174 5.70 -28.63 -11.37
CA TYR B 174 6.35 -27.70 -10.45
C TYR B 174 6.42 -28.24 -9.03
N GLN B 175 5.27 -28.49 -8.41
CA GLN B 175 5.27 -29.01 -7.05
C GLN B 175 4.15 -30.01 -6.81
N ASP B 176 4.46 -31.01 -6.00
CA ASP B 176 3.48 -32.04 -5.65
C ASP B 176 2.65 -31.49 -4.50
N GLY B 177 1.41 -31.13 -4.82
CA GLY B 177 0.51 -30.59 -3.81
C GLY B 177 -0.05 -29.26 -4.27
N TYR B 178 -1.37 -29.12 -4.21
CA TYR B 178 -2.02 -27.89 -4.62
C TYR B 178 -1.88 -26.78 -3.59
N TYR B 179 -2.30 -25.58 -3.97
CA TYR B 179 -2.30 -24.43 -3.10
C TYR B 179 -3.77 -24.03 -2.96
N SER B 180 -4.35 -24.23 -1.79
CA SER B 180 -5.76 -23.92 -1.58
C SER B 180 -5.99 -22.97 -0.40
N VAL B 181 -6.83 -21.95 -0.60
CA VAL B 181 -7.11 -20.97 0.44
C VAL B 181 -8.61 -20.69 0.58
N GLN B 182 -9.02 -20.21 1.75
CA GLN B 182 -10.41 -19.86 2.01
C GLN B 182 -10.65 -18.40 1.62
N THR B 183 -11.70 -18.16 0.84
CA THR B 183 -12.02 -16.82 0.37
C THR B 183 -13.42 -16.83 -0.23
N THR B 184 -14.07 -15.68 -0.25
CA THR B 184 -15.41 -15.58 -0.83
C THR B 184 -15.25 -14.99 -2.22
N GLU B 185 -14.01 -14.60 -2.53
CA GLU B 185 -13.70 -13.99 -3.81
C GLU B 185 -13.05 -14.92 -4.83
N GLY B 186 -13.29 -16.22 -4.66
CA GLY B 186 -12.72 -17.21 -5.56
C GLY B 186 -12.90 -16.97 -7.05
N GLU B 187 -14.12 -16.64 -7.50
CA GLU B 187 -14.31 -16.41 -8.92
C GLU B 187 -13.70 -15.12 -9.41
N GLN B 188 -13.64 -14.11 -8.56
CA GLN B 188 -13.02 -12.84 -8.95
C GLN B 188 -11.55 -13.12 -9.22
N ILE B 189 -10.94 -13.94 -8.37
CA ILE B 189 -9.54 -14.30 -8.52
C ILE B 189 -9.32 -15.14 -9.77
N ALA B 190 -10.22 -16.09 -10.01
CA ALA B 190 -10.12 -16.96 -11.18
C ALA B 190 -10.15 -16.16 -12.47
N GLN B 191 -11.07 -15.18 -12.52
CA GLN B 191 -11.21 -14.33 -13.70
C GLN B 191 -9.95 -13.56 -14.03
N LEU B 192 -9.31 -12.98 -13.01
CA LEU B 192 -8.09 -12.22 -13.22
C LEU B 192 -6.98 -13.13 -13.72
N ILE B 193 -6.79 -14.26 -13.03
CA ILE B 193 -5.76 -15.22 -13.43
C ILE B 193 -6.02 -15.63 -14.87
N ALA B 194 -7.26 -16.03 -15.13
CA ALA B 194 -7.68 -16.46 -16.47
C ALA B 194 -7.29 -15.47 -17.55
N GLY B 195 -7.59 -14.19 -17.32
CA GLY B 195 -7.26 -13.17 -18.29
C GLY B 195 -5.77 -13.00 -18.48
N TYR B 196 -5.01 -13.04 -17.40
CA TYR B 196 -3.56 -12.88 -17.48
C TYR B 196 -2.86 -14.06 -18.15
N ILE B 197 -3.36 -15.26 -17.93
CA ILE B 197 -2.76 -16.45 -18.53
C ILE B 197 -3.02 -16.53 -20.04
N ASP B 198 -4.18 -16.06 -20.47
CA ASP B 198 -4.54 -16.06 -21.88
C ASP B 198 -3.48 -15.34 -22.72
N ILE B 199 -2.91 -14.29 -22.15
CA ILE B 199 -1.91 -13.49 -22.85
C ILE B 199 -0.48 -14.00 -22.71
N ILE B 200 -0.21 -14.81 -21.68
CA ILE B 200 1.15 -15.27 -21.45
C ILE B 200 1.75 -16.18 -22.51
N LEU B 201 1.17 -16.19 -23.70
CA LEU B 201 1.72 -17.03 -24.77
C LEU B 201 1.90 -16.19 -26.02
#